data_5ZU1
#
_entry.id   5ZU1
#
_cell.length_a   108.920
_cell.length_b   108.920
_cell.length_c   62.004
_cell.angle_alpha   90.000
_cell.angle_beta   90.000
_cell.angle_gamma   120.000
#
_symmetry.space_group_name_H-M   'P 61'
#
loop_
_entity.id
_entity.type
_entity.pdbx_description
1 polymer 'Double-stranded RNA-specific adenosine deaminase'
2 polymer "DNA (5'-D(*GP*TP*CP*GP*CP*GP*CP*GP*CP*CP*TP*TP*AP*AP*AP*CP*C)-3')"
3 polymer "DNA (5'-D(*AP*CP*GP*GP*TP*TP*TP*AP*AP*GP*GP*CP*GP*CP*GP*CP*G)-3')"
#
loop_
_entity_poly.entity_id
_entity_poly.type
_entity_poly.pdbx_seq_one_letter_code
_entity_poly.pdbx_strand_id
1 'polypeptide(L)' GSHMEQRILKFLEELGEGKATTAHDLSGKLGTPKKEINRVLYSLAKKGKLQKEAGTPPLWKIA A,B,C,D
2 'polydeoxyribonucleotide' (DG)(DT)(DC)(DG)(DC)(DG)(DC)(DG)(DC)(DC)(DT)(DT)(DA)(DA)(DA)(DC)(DC) E
3 'polydeoxyribonucleotide' (DA)(DC)(DG)(DG)(DT)(DT)(DT)(DA)(DA)(DG)(DG)(DC)(DG)(DC)(DG)(DC)(DG) F
#
loop_
_chem_comp.id
_chem_comp.type
_chem_comp.name
_chem_comp.formula
DA DNA linking 2'-DEOXYADENOSINE-5'-MONOPHOSPHATE 'C10 H14 N5 O6 P'
DC DNA linking 2'-DEOXYCYTIDINE-5'-MONOPHOSPHATE 'C9 H14 N3 O7 P'
DG DNA linking 2'-DEOXYGUANOSINE-5'-MONOPHOSPHATE 'C10 H14 N5 O7 P'
DT DNA linking THYMIDINE-5'-MONOPHOSPHATE 'C10 H15 N2 O8 P'
#
# COMPACT_ATOMS: atom_id res chain seq x y z
N GLY A 1 -22.64 -1.85 4.94
CA GLY A 1 -21.67 -1.30 3.95
C GLY A 1 -21.90 -1.90 2.57
N SER A 2 -20.90 -2.46 1.90
CA SER A 2 -21.00 -2.76 0.45
C SER A 2 -21.77 -4.06 0.15
N HIS A 3 -22.35 -4.14 -1.06
CA HIS A 3 -22.84 -5.42 -1.64
C HIS A 3 -21.84 -6.55 -1.40
N MET A 4 -20.61 -6.36 -1.89
CA MET A 4 -19.60 -7.39 -1.85
C MET A 4 -19.22 -7.74 -0.44
N GLU A 5 -19.04 -6.73 0.39
CA GLU A 5 -18.81 -6.98 1.81
C GLU A 5 -20.04 -7.70 2.35
N GLN A 6 -21.25 -7.34 1.89
CA GLN A 6 -22.47 -8.04 2.31
C GLN A 6 -22.27 -9.53 2.11
N ARG A 7 -22.08 -9.91 0.86
CA ARG A 7 -21.97 -11.32 0.45
C ARG A 7 -20.92 -12.05 1.27
N ILE A 8 -19.74 -11.43 1.42
CA ILE A 8 -18.64 -12.02 2.15
C ILE A 8 -19.01 -12.18 3.61
N LEU A 9 -19.60 -11.13 4.16
CA LEU A 9 -20.09 -11.19 5.53
C LEU A 9 -21.16 -12.27 5.71
N LYS A 10 -22.03 -12.48 4.72
CA LYS A 10 -23.00 -13.59 4.78
C LYS A 10 -22.26 -14.91 4.96
N PHE A 11 -21.40 -15.24 3.98
CA PHE A 11 -20.76 -16.56 3.88
C PHE A 11 -19.96 -16.96 5.14
N LEU A 12 -19.09 -16.09 5.58
CA LEU A 12 -18.33 -16.31 6.81
C LEU A 12 -19.19 -16.52 8.05
N GLU A 13 -20.27 -15.75 8.16
CA GLU A 13 -21.21 -15.85 9.30
C GLU A 13 -21.88 -17.23 9.34
N GLU A 14 -22.20 -17.74 8.16
CA GLU A 14 -22.90 -19.02 8.00
C GLU A 14 -22.02 -20.23 8.21
N LEU A 15 -20.72 -20.09 8.07
CA LEU A 15 -19.83 -21.21 8.31
C LEU A 15 -19.89 -21.74 9.72
N GLY A 16 -20.02 -20.86 10.70
CA GLY A 16 -20.17 -21.25 12.10
C GLY A 16 -19.42 -20.33 13.04
N GLU A 17 -19.35 -20.73 14.31
CA GLU A 17 -18.66 -19.95 15.34
C GLU A 17 -17.18 -20.30 15.28
N GLY A 18 -16.37 -19.37 14.80
CA GLY A 18 -14.92 -19.59 14.67
C GLY A 18 -14.44 -20.32 13.42
N LYS A 19 -15.38 -20.76 12.55
CA LYS A 19 -15.01 -21.34 11.25
C LYS A 19 -14.40 -20.26 10.33
N ALA A 20 -13.29 -20.60 9.67
CA ALA A 20 -12.54 -19.63 8.88
C ALA A 20 -12.31 -20.14 7.47
N THR A 21 -12.32 -19.24 6.48
CA THR A 21 -12.03 -19.66 5.11
C THR A 21 -11.05 -18.76 4.42
N THR A 22 -10.71 -19.13 3.19
CA THR A 22 -9.68 -18.48 2.43
C THR A 22 -10.27 -17.63 1.32
N ALA A 23 -9.49 -16.65 0.91
CA ALA A 23 -9.87 -15.89 -0.24
C ALA A 23 -10.20 -16.85 -1.36
N HIS A 24 -9.35 -17.86 -1.59
CA HIS A 24 -9.60 -18.83 -2.69
C HIS A 24 -11.03 -19.44 -2.59
N ASP A 25 -11.34 -20.10 -1.48
CA ASP A 25 -12.68 -20.64 -1.26
C ASP A 25 -13.79 -19.61 -1.59
N LEU A 26 -13.74 -18.48 -0.89
CA LEU A 26 -14.70 -17.40 -1.15
C LEU A 26 -14.81 -17.11 -2.65
N SER A 27 -13.67 -17.01 -3.31
CA SER A 27 -13.63 -16.60 -4.69
C SER A 27 -14.48 -17.53 -5.50
N GLY A 28 -14.28 -18.82 -5.30
CA GLY A 28 -15.06 -19.84 -5.98
C GLY A 28 -16.54 -19.83 -5.68
N LYS A 29 -16.86 -19.80 -4.39
CA LYS A 29 -18.25 -19.90 -3.97
C LYS A 29 -19.08 -18.64 -4.24
N LEU A 30 -18.42 -17.51 -4.48
CA LEU A 30 -19.09 -16.24 -4.84
C LEU A 30 -18.89 -15.80 -6.29
N GLY A 31 -18.05 -16.49 -7.05
CA GLY A 31 -17.91 -16.23 -8.49
C GLY A 31 -17.18 -14.95 -8.84
N THR A 32 -16.51 -14.37 -7.84
CA THR A 32 -15.71 -13.18 -7.95
C THR A 32 -14.22 -13.60 -8.01
N PRO A 33 -13.38 -12.89 -8.80
CA PRO A 33 -11.94 -13.17 -8.72
C PRO A 33 -11.30 -12.87 -7.35
N LYS A 34 -10.28 -13.65 -7.00
CA LYS A 34 -9.58 -13.57 -5.72
C LYS A 34 -9.08 -12.15 -5.39
N LYS A 35 -8.60 -11.45 -6.41
CA LYS A 35 -8.12 -10.07 -6.27
C LYS A 35 -9.18 -9.18 -5.62
N GLU A 36 -10.40 -9.23 -6.13
CA GLU A 36 -11.50 -8.44 -5.53
C GLU A 36 -11.75 -8.90 -4.10
N ILE A 37 -11.82 -10.22 -3.94
CA ILE A 37 -12.11 -10.82 -2.65
C ILE A 37 -11.09 -10.29 -1.64
N ASN A 38 -9.82 -10.39 -1.98
CA ASN A 38 -8.77 -9.96 -1.07
C ASN A 38 -8.86 -8.48 -0.82
N ARG A 39 -9.13 -7.70 -1.86
CA ARG A 39 -9.23 -6.25 -1.71
C ARG A 39 -10.15 -5.91 -0.55
N VAL A 40 -11.34 -6.49 -0.60
CA VAL A 40 -12.39 -6.26 0.40
C VAL A 40 -12.02 -6.84 1.77
N LEU A 41 -11.53 -8.06 1.80
CA LEU A 41 -11.20 -8.71 3.08
C LEU A 41 -10.21 -7.85 3.83
N TYR A 42 -9.17 -7.41 3.15
CA TYR A 42 -8.17 -6.59 3.80
C TYR A 42 -8.75 -5.23 4.27
N SER A 43 -9.73 -4.72 3.52
CA SER A 43 -10.48 -3.56 3.96
C SER A 43 -11.22 -3.87 5.27
N LEU A 44 -12.14 -4.83 5.23
CA LEU A 44 -12.94 -5.21 6.41
C LEU A 44 -12.06 -5.43 7.63
N ALA A 45 -10.89 -6.01 7.39
CA ALA A 45 -9.86 -6.18 8.39
C ALA A 45 -9.41 -4.85 9.01
N LYS A 46 -8.91 -3.93 8.19
CA LYS A 46 -8.56 -2.58 8.64
C LYS A 46 -9.76 -1.89 9.31
N LYS A 47 -10.99 -2.28 8.89
CA LYS A 47 -12.22 -1.82 9.55
C LYS A 47 -12.60 -2.51 10.87
N GLY A 48 -11.70 -3.27 11.51
CA GLY A 48 -12.05 -4.10 12.67
C GLY A 48 -13.10 -5.23 12.52
N LYS A 49 -13.83 -5.26 11.41
CA LYS A 49 -14.95 -6.18 11.21
C LYS A 49 -14.60 -7.67 11.05
N LEU A 50 -13.34 -7.99 10.71
CA LEU A 50 -12.90 -9.38 10.52
C LEU A 50 -11.51 -9.63 11.09
N GLN A 51 -11.12 -10.90 11.08
CA GLN A 51 -9.86 -11.37 11.64
C GLN A 51 -9.07 -12.25 10.66
N LYS A 52 -7.78 -11.93 10.53
CA LYS A 52 -6.84 -12.64 9.64
C LYS A 52 -5.86 -13.42 10.51
N GLU A 53 -5.93 -14.75 10.42
CA GLU A 53 -4.84 -15.61 10.89
C GLU A 53 -3.84 -15.56 9.72
N ALA A 54 -2.62 -15.11 10.00
CA ALA A 54 -1.62 -14.95 8.94
C ALA A 54 -0.92 -16.26 8.61
N GLY A 55 -0.80 -16.55 7.33
CA GLY A 55 0.04 -17.65 6.82
C GLY A 55 -0.21 -17.83 5.33
N THR A 56 -0.05 -19.06 4.81
CA THR A 56 -0.09 -19.32 3.38
C THR A 56 -1.21 -20.29 3.01
N PRO A 57 -2.41 -19.84 2.64
CA PRO A 57 -2.85 -18.45 2.63
C PRO A 57 -3.41 -18.08 3.98
N PRO A 58 -3.67 -16.78 4.19
CA PRO A 58 -4.30 -16.35 5.43
C PRO A 58 -5.70 -16.87 5.58
N LEU A 59 -6.13 -17.01 6.83
CA LEU A 59 -7.47 -17.47 7.16
C LEU A 59 -8.31 -16.33 7.66
N TRP A 60 -9.56 -16.30 7.24
CA TRP A 60 -10.45 -15.19 7.55
C TRP A 60 -11.71 -15.58 8.28
N LYS A 61 -11.89 -15.04 9.48
CA LYS A 61 -13.14 -15.20 10.26
C LYS A 61 -13.51 -13.89 10.97
N ILE A 62 -14.58 -13.90 11.79
CA ILE A 62 -15.17 -12.70 12.44
C ILE A 62 -14.60 -12.45 13.85
N ALA A 63 -14.30 -11.20 14.21
CA ALA A 63 -13.60 -10.87 15.48
C ALA A 63 -14.49 -10.51 16.67
N SER B 2 11.61 17.17 -18.05
CA SER B 2 12.82 16.40 -18.50
C SER B 2 12.55 15.56 -19.76
N HIS B 3 13.50 14.66 -20.08
CA HIS B 3 13.35 13.68 -21.17
C HIS B 3 12.07 12.86 -21.03
N MET B 4 11.84 12.33 -19.83
CA MET B 4 10.72 11.43 -19.60
C MET B 4 9.35 12.08 -19.68
N GLU B 5 9.24 13.32 -19.19
CA GLU B 5 7.96 14.00 -19.17
C GLU B 5 7.43 14.13 -20.56
N GLN B 6 8.34 14.48 -21.48
CA GLN B 6 7.96 14.79 -22.84
C GLN B 6 7.52 13.54 -23.55
N ARG B 7 8.26 12.44 -23.38
CA ARG B 7 7.91 11.18 -24.06
C ARG B 7 6.51 10.72 -23.63
N ILE B 8 6.30 10.67 -22.30
CA ILE B 8 5.03 10.25 -21.71
C ILE B 8 3.96 11.15 -22.26
N LEU B 9 4.34 12.41 -22.20
CA LEU B 9 3.57 13.51 -22.65
C LEU B 9 3.20 13.26 -24.11
N LYS B 10 4.17 12.76 -24.89
CA LYS B 10 3.99 12.43 -26.31
C LYS B 10 3.10 11.22 -26.49
N PHE B 11 3.21 10.26 -25.58
CA PHE B 11 2.57 8.97 -25.73
C PHE B 11 1.05 8.99 -25.76
N LEU B 12 0.44 9.80 -24.90
CA LEU B 12 -1.02 9.74 -24.71
C LEU B 12 -1.83 10.04 -25.96
N GLU B 13 -1.62 11.22 -26.51
CA GLU B 13 -2.32 11.65 -27.72
C GLU B 13 -1.87 10.72 -28.86
N GLU B 14 -0.56 10.62 -29.09
CA GLU B 14 -0.03 9.91 -30.26
C GLU B 14 -0.76 8.58 -30.29
N LEU B 15 -0.52 7.76 -29.30
CA LEU B 15 -1.31 6.56 -29.16
C LEU B 15 -2.61 6.76 -28.41
N GLY B 16 -3.45 7.61 -28.99
CA GLY B 16 -4.78 7.86 -28.47
C GLY B 16 -5.60 6.78 -29.13
N GLU B 17 -5.54 5.56 -28.60
CA GLU B 17 -6.39 4.45 -29.04
C GLU B 17 -7.19 4.18 -27.78
N GLY B 18 -8.50 4.12 -27.92
CA GLY B 18 -9.36 4.40 -26.80
C GLY B 18 -8.95 5.77 -26.30
N LYS B 19 -8.81 5.89 -24.98
CA LYS B 19 -8.41 7.15 -24.42
C LYS B 19 -7.07 7.10 -23.69
N ALA B 20 -6.91 6.17 -22.77
CA ALA B 20 -5.94 6.37 -21.70
C ALA B 20 -5.34 5.06 -21.25
N THR B 21 -4.19 5.11 -20.58
CA THR B 21 -3.59 3.86 -20.15
C THR B 21 -3.06 3.97 -18.71
N THR B 22 -2.78 2.81 -18.13
CA THR B 22 -2.33 2.74 -16.76
C THR B 22 -0.84 2.99 -16.67
N ALA B 23 -0.41 3.63 -15.59
CA ALA B 23 1.00 3.82 -15.36
C ALA B 23 1.77 2.57 -15.79
N HIS B 24 1.30 1.40 -15.35
CA HIS B 24 1.90 0.11 -15.71
C HIS B 24 2.25 -0.06 -17.18
N ASP B 25 1.27 0.21 -18.05
CA ASP B 25 1.47 0.09 -19.49
C ASP B 25 2.56 1.07 -19.95
N LEU B 26 2.41 2.32 -19.57
CA LEU B 26 3.43 3.33 -19.89
C LEU B 26 4.82 2.81 -19.54
N SER B 27 4.96 2.23 -18.35
CA SER B 27 6.24 1.66 -17.92
C SER B 27 6.74 0.64 -18.93
N GLY B 28 5.95 -0.41 -19.14
CA GLY B 28 6.31 -1.54 -20.00
C GLY B 28 6.73 -1.16 -21.39
N LYS B 29 6.04 -0.16 -21.95
CA LYS B 29 6.40 0.40 -23.26
C LYS B 29 7.78 1.02 -23.16
N LEU B 30 7.90 1.98 -22.25
CA LEU B 30 9.09 2.81 -22.16
C LEU B 30 10.27 2.10 -21.50
N GLY B 31 10.05 0.94 -20.88
CA GLY B 31 11.13 0.21 -20.17
C GLY B 31 11.64 0.92 -18.92
N THR B 32 10.73 1.57 -18.20
CA THR B 32 11.07 2.44 -17.07
C THR B 32 10.15 2.17 -15.87
N PRO B 33 10.73 2.09 -14.63
CA PRO B 33 9.86 1.80 -13.49
C PRO B 33 8.85 2.92 -13.17
N LYS B 34 7.72 2.49 -12.61
CA LYS B 34 6.58 3.36 -12.36
C LYS B 34 6.90 4.62 -11.57
N LYS B 35 7.83 4.56 -10.62
CA LYS B 35 8.19 5.73 -9.78
C LYS B 35 8.37 7.03 -10.58
N GLU B 36 9.29 7.01 -11.54
CA GLU B 36 9.53 8.16 -12.42
C GLU B 36 8.27 8.54 -13.20
N ILE B 37 7.62 7.53 -13.78
CA ILE B 37 6.37 7.70 -14.55
C ILE B 37 5.23 8.36 -13.73
N ASN B 38 4.89 7.77 -12.60
CA ASN B 38 3.81 8.23 -11.77
C ASN B 38 4.10 9.63 -11.23
N ARG B 39 5.35 9.88 -10.82
CA ARG B 39 5.79 11.23 -10.46
C ARG B 39 5.29 12.22 -11.49
N VAL B 40 5.67 11.94 -12.74
CA VAL B 40 5.36 12.82 -13.87
C VAL B 40 3.87 12.92 -14.16
N LEU B 41 3.09 11.86 -13.93
CA LEU B 41 1.66 11.88 -14.24
C LEU B 41 0.97 12.71 -13.19
N TYR B 42 1.17 12.39 -11.93
CA TYR B 42 0.47 13.11 -10.87
C TYR B 42 0.85 14.59 -10.84
N SER B 43 2.11 14.87 -11.20
CA SER B 43 2.60 16.22 -11.50
C SER B 43 1.78 16.92 -12.60
N LEU B 44 1.70 16.30 -13.77
CA LEU B 44 1.01 16.89 -14.93
C LEU B 44 -0.49 17.07 -14.73
N ALA B 45 -1.02 16.55 -13.62
CA ALA B 45 -2.43 16.65 -13.27
C ALA B 45 -2.77 17.96 -12.59
N LYS B 46 -2.09 18.25 -11.48
CA LYS B 46 -2.37 19.45 -10.67
C LYS B 46 -2.48 20.68 -11.55
N LYS B 47 -1.53 20.77 -12.48
CA LYS B 47 -1.35 21.91 -13.36
C LYS B 47 -2.15 21.88 -14.67
N GLY B 48 -2.66 20.72 -15.09
CA GLY B 48 -3.82 20.70 -16.03
C GLY B 48 -3.81 19.83 -17.28
N LYS B 49 -2.63 19.36 -17.72
CA LYS B 49 -2.54 18.69 -19.01
C LYS B 49 -2.96 17.21 -19.07
N LEU B 50 -3.33 16.60 -17.93
CA LEU B 50 -3.86 15.21 -17.90
C LEU B 50 -5.06 15.04 -16.96
N GLN B 51 -5.89 14.00 -17.21
CA GLN B 51 -7.04 13.70 -16.37
C GLN B 51 -7.00 12.27 -15.79
N LYS B 52 -7.16 12.19 -14.48
CA LYS B 52 -7.16 10.93 -13.78
C LYS B 52 -8.58 10.43 -13.78
N GLU B 53 -8.84 9.52 -14.70
CA GLU B 53 -10.09 8.77 -14.73
C GLU B 53 -9.79 7.61 -13.82
N ALA B 54 -10.63 7.43 -12.79
CA ALA B 54 -10.32 6.56 -11.66
C ALA B 54 -10.47 5.04 -11.93
N GLY B 55 -9.78 4.28 -11.07
CA GLY B 55 -9.69 2.82 -11.12
C GLY B 55 -8.44 2.38 -10.36
N THR B 56 -8.20 1.07 -10.30
CA THR B 56 -6.97 0.55 -9.67
C THR B 56 -6.21 -0.40 -10.60
N PRO B 57 -5.11 0.03 -11.20
CA PRO B 57 -4.50 1.36 -11.04
C PRO B 57 -5.30 2.42 -11.75
N PRO B 58 -5.10 3.70 -11.38
CA PRO B 58 -5.76 4.79 -12.12
C PRO B 58 -5.33 4.88 -13.59
N LEU B 59 -6.20 5.46 -14.41
CA LEU B 59 -5.98 5.60 -15.84
C LEU B 59 -5.79 7.07 -16.18
N TRP B 60 -4.88 7.32 -17.11
CA TRP B 60 -4.53 8.69 -17.49
C TRP B 60 -4.63 8.81 -18.98
N LYS B 61 -5.17 9.91 -19.47
CA LYS B 61 -5.55 10.07 -20.88
C LYS B 61 -4.69 11.04 -21.66
N SER C 2 24.53 -12.10 -5.86
CA SER C 2 24.33 -10.95 -6.79
C SER C 2 25.27 -9.79 -6.46
N HIS C 3 25.55 -8.97 -7.48
CA HIS C 3 26.31 -7.73 -7.36
C HIS C 3 25.74 -6.83 -6.26
N MET C 4 24.42 -6.63 -6.26
CA MET C 4 23.75 -5.78 -5.28
C MET C 4 23.63 -6.43 -3.89
N GLU C 5 23.60 -7.77 -3.85
CA GLU C 5 23.35 -8.50 -2.61
C GLU C 5 24.51 -8.37 -1.65
N GLN C 6 25.71 -8.56 -2.19
CA GLN C 6 26.92 -8.34 -1.42
C GLN C 6 27.04 -6.86 -1.07
N ARG C 7 26.73 -5.98 -2.03
CA ARG C 7 26.78 -4.53 -1.80
C ARG C 7 25.82 -4.10 -0.68
N ILE C 8 24.59 -4.61 -0.72
CA ILE C 8 23.61 -4.43 0.36
C ILE C 8 24.19 -4.98 1.66
N LEU C 9 24.78 -6.17 1.57
CA LEU C 9 25.45 -6.77 2.72
C LEU C 9 26.61 -5.88 3.31
N LYS C 10 27.66 -5.64 2.52
CA LYS C 10 28.80 -4.82 2.90
C LYS C 10 28.42 -3.45 3.49
N PHE C 11 27.26 -2.92 3.14
CA PHE C 11 26.81 -1.63 3.64
C PHE C 11 26.20 -1.76 5.02
N LEU C 12 25.40 -2.80 5.19
CA LEU C 12 24.87 -3.12 6.49
C LEU C 12 26.05 -3.52 7.32
N GLU C 13 26.78 -4.53 6.82
CA GLU C 13 28.04 -5.07 7.37
C GLU C 13 29.07 -3.97 7.67
N GLU C 14 29.19 -3.04 6.72
CA GLU C 14 30.17 -1.94 6.77
C GLU C 14 29.92 -0.97 7.87
N LEU C 15 28.73 -0.92 8.44
CA LEU C 15 28.48 0.13 9.38
C LEU C 15 28.21 -0.39 10.77
N GLY C 16 28.91 -1.49 11.08
CA GLY C 16 28.92 -2.10 12.39
C GLY C 16 27.79 -3.09 12.57
N GLU C 17 27.81 -3.77 13.71
CA GLU C 17 26.70 -4.61 14.17
C GLU C 17 25.67 -3.80 14.96
N GLY C 18 26.02 -2.55 15.28
CA GLY C 18 25.20 -1.69 16.12
C GLY C 18 23.75 -1.68 15.70
N LYS C 19 23.49 -1.25 14.47
CA LYS C 19 22.10 -1.10 14.02
C LYS C 19 21.85 -1.32 12.51
N ALA C 20 20.59 -1.62 12.25
CA ALA C 20 20.01 -1.73 10.92
C ALA C 20 19.72 -0.34 10.33
N THR C 21 19.41 -0.27 9.03
CA THR C 21 18.92 0.99 8.45
C THR C 21 17.69 0.75 7.59
N THR C 22 17.06 1.84 7.14
CA THR C 22 15.90 1.76 6.26
C THR C 22 16.29 1.58 4.81
N ALA C 23 15.49 0.79 4.11
CA ALA C 23 15.61 0.60 2.67
C ALA C 23 15.74 1.93 1.99
N HIS C 24 14.96 2.93 2.43
CA HIS C 24 15.04 4.27 1.84
C HIS C 24 16.46 4.78 1.76
N ASP C 25 17.14 4.94 2.89
CA ASP C 25 18.47 5.53 2.83
C ASP C 25 19.44 4.57 2.16
N LEU C 26 19.39 3.31 2.56
CA LEU C 26 20.19 2.25 1.92
C LEU C 26 20.16 2.43 0.39
N SER C 27 19.00 2.76 -0.16
CA SER C 27 18.90 3.16 -1.56
C SER C 27 19.70 4.43 -1.85
N GLY C 28 19.32 5.54 -1.22
CA GLY C 28 19.84 6.88 -1.53
C GLY C 28 21.35 7.03 -1.53
N LYS C 29 21.99 6.34 -0.60
CA LYS C 29 23.43 6.32 -0.52
C LYS C 29 24.02 5.53 -1.67
N LEU C 30 23.50 4.32 -1.87
CA LEU C 30 23.92 3.48 -2.99
C LEU C 30 23.48 3.95 -4.39
N GLY C 31 22.60 4.95 -4.48
CA GLY C 31 22.10 5.47 -5.75
C GLY C 31 21.22 4.52 -6.56
N THR C 32 20.72 3.47 -5.90
CA THR C 32 19.92 2.42 -6.51
C THR C 32 18.45 2.65 -6.09
N PRO C 33 17.47 2.41 -6.99
CA PRO C 33 16.08 2.64 -6.52
C PRO C 33 15.60 1.65 -5.44
N LYS C 34 14.66 2.11 -4.64
CA LYS C 34 14.14 1.39 -3.47
C LYS C 34 13.51 0.05 -3.85
N LYS C 35 12.78 0.04 -4.97
CA LYS C 35 12.23 -1.18 -5.58
C LYS C 35 13.27 -2.28 -5.66
N GLU C 36 14.40 -2.01 -6.33
CA GLU C 36 15.51 -2.96 -6.42
C GLU C 36 16.00 -3.32 -5.03
N ILE C 37 16.20 -2.30 -4.18
CA ILE C 37 16.65 -2.55 -2.79
C ILE C 37 15.73 -3.53 -2.05
N ASN C 38 14.46 -3.19 -1.88
CA ASN C 38 13.54 -4.03 -1.09
C ASN C 38 13.44 -5.44 -1.68
N ARG C 39 13.34 -5.54 -3.01
CA ARG C 39 13.34 -6.83 -3.69
C ARG C 39 14.39 -7.74 -3.06
N VAL C 40 15.62 -7.23 -3.05
CA VAL C 40 16.77 -7.95 -2.55
C VAL C 40 16.72 -8.17 -1.03
N LEU C 41 16.43 -7.13 -0.26
CA LEU C 41 16.33 -7.27 1.19
C LEU C 41 15.35 -8.38 1.51
N TYR C 42 14.15 -8.25 1.01
CA TYR C 42 13.12 -9.23 1.29
C TYR C 42 13.51 -10.62 0.76
N SER C 43 14.16 -10.62 -0.42
CA SER C 43 14.72 -11.85 -0.99
C SER C 43 15.70 -12.52 -0.01
N LEU C 44 16.63 -11.70 0.51
CA LEU C 44 17.69 -12.21 1.37
C LEU C 44 17.13 -12.67 2.70
N ALA C 45 16.23 -11.91 3.31
CA ALA C 45 15.59 -12.24 4.60
C ALA C 45 14.97 -13.62 4.60
N LYS C 46 14.60 -14.12 3.40
CA LYS C 46 14.26 -15.52 3.21
C LYS C 46 15.40 -16.35 3.78
N LYS C 47 16.58 -16.24 3.18
CA LYS C 47 17.80 -16.82 3.75
C LYS C 47 18.11 -16.16 5.11
N GLY C 48 18.86 -16.85 5.94
CA GLY C 48 19.09 -16.43 7.33
C GLY C 48 19.90 -15.16 7.59
N LYS C 49 20.72 -14.73 6.63
CA LYS C 49 21.69 -13.65 6.89
C LYS C 49 20.99 -12.35 7.19
N LEU C 50 20.20 -11.90 6.23
CA LEU C 50 19.35 -10.74 6.43
C LEU C 50 18.37 -10.99 7.58
N GLN C 51 18.13 -9.92 8.32
CA GLN C 51 17.26 -9.95 9.49
C GLN C 51 16.42 -8.68 9.50
N LYS C 52 15.10 -8.86 9.47
CA LYS C 52 14.15 -7.77 9.30
C LYS C 52 13.51 -7.44 10.64
N GLU C 53 13.56 -6.17 11.04
CA GLU C 53 12.89 -5.71 12.26
C GLU C 53 11.74 -4.83 11.85
N ALA C 54 10.53 -5.32 12.02
CA ALA C 54 9.32 -4.67 11.49
C ALA C 54 9.02 -3.25 12.00
N GLY C 55 8.16 -2.56 11.27
CA GLY C 55 7.79 -1.18 11.54
C GLY C 55 7.26 -0.52 10.28
N THR C 56 7.20 0.81 10.32
CA THR C 56 6.97 1.63 9.14
C THR C 56 7.96 2.79 9.28
N PRO C 57 9.10 2.80 8.58
CA PRO C 57 9.55 1.74 7.72
C PRO C 57 10.34 0.70 8.46
N PRO C 58 10.25 -0.56 8.03
CA PRO C 58 11.01 -1.70 8.51
C PRO C 58 12.49 -1.45 8.45
N LEU C 59 13.19 -2.04 9.41
CA LEU C 59 14.62 -1.82 9.60
C LEU C 59 15.33 -3.10 9.25
N TRP C 60 16.49 -2.94 8.64
CA TRP C 60 17.24 -4.07 8.08
C TRP C 60 18.67 -4.17 8.61
N LYS C 61 18.90 -5.25 9.37
CA LYS C 61 20.21 -5.63 9.91
C LYS C 61 20.42 -7.13 9.73
N ILE C 62 21.65 -7.62 9.95
CA ILE C 62 22.03 -9.02 9.87
C ILE C 62 21.80 -9.87 11.14
N SER D 2 -7.21 -0.97 20.90
CA SER D 2 -6.14 0.03 20.63
C SER D 2 -6.05 1.09 21.71
N HIS D 3 -4.84 1.37 22.19
CA HIS D 3 -4.64 2.35 23.27
C HIS D 3 -4.73 3.78 22.76
N MET D 4 -3.90 4.10 21.77
CA MET D 4 -3.71 5.48 21.30
C MET D 4 -4.82 6.01 20.40
N GLU D 5 -5.69 5.13 19.93
CA GLU D 5 -6.87 5.53 19.14
C GLU D 5 -7.89 6.21 20.03
N GLN D 6 -8.29 5.51 21.10
CA GLN D 6 -9.20 6.03 22.12
C GLN D 6 -8.89 7.49 22.45
N ARG D 7 -7.64 7.74 22.88
CA ARG D 7 -7.16 9.07 23.27
C ARG D 7 -7.68 10.16 22.33
N ILE D 8 -7.48 9.98 21.02
CA ILE D 8 -7.89 10.97 20.00
C ILE D 8 -9.40 11.23 20.05
N LEU D 9 -10.17 10.17 20.22
CA LEU D 9 -11.64 10.23 20.28
C LEU D 9 -12.10 11.16 21.40
N LYS D 10 -11.45 11.03 22.56
CA LYS D 10 -11.78 11.81 23.77
C LYS D 10 -12.01 13.29 23.42
N PHE D 11 -10.99 13.89 22.81
CA PHE D 11 -11.00 15.28 22.34
C PHE D 11 -12.38 15.75 21.88
N LEU D 12 -12.98 14.97 20.98
CA LEU D 12 -14.23 15.34 20.33
C LEU D 12 -15.44 15.07 21.23
N GLY D 28 -7.44 19.80 12.44
CA GLY D 28 -7.10 18.51 13.02
C GLY D 28 -5.62 18.16 12.90
N LYS D 29 -4.84 18.69 13.83
CA LYS D 29 -3.41 18.38 13.97
C LYS D 29 -3.11 18.52 15.46
N LEU D 30 -2.52 17.48 16.04
CA LEU D 30 -2.45 17.37 17.51
C LEU D 30 -1.02 17.10 17.98
N GLY D 31 -0.68 17.71 19.11
CA GLY D 31 0.73 17.90 19.51
C GLY D 31 1.48 16.71 20.05
N THR D 32 0.92 15.51 19.97
CA THR D 32 1.66 14.28 20.28
C THR D 32 2.21 13.81 18.90
N PRO D 33 3.03 12.71 18.83
CA PRO D 33 3.66 12.37 17.54
C PRO D 33 2.65 12.52 16.40
N LYS D 34 2.96 13.37 15.42
CA LYS D 34 2.00 13.80 14.38
C LYS D 34 1.97 12.89 13.16
N LYS D 35 3.08 12.20 12.88
CA LYS D 35 3.09 11.16 11.85
C LYS D 35 2.20 10.00 12.31
N GLU D 36 2.59 9.33 13.40
CA GLU D 36 1.79 8.28 14.07
C GLU D 36 0.31 8.65 14.32
N ILE D 37 0.04 9.94 14.49
CA ILE D 37 -1.30 10.47 14.67
C ILE D 37 -2.15 10.34 13.38
N ASN D 38 -1.64 10.83 12.23
CA ASN D 38 -2.38 10.73 10.94
C ASN D 38 -2.74 9.28 10.58
N ARG D 39 -1.83 8.33 10.86
CA ARG D 39 -2.13 6.89 10.62
C ARG D 39 -3.41 6.51 11.33
N VAL D 40 -3.43 6.81 12.63
CA VAL D 40 -4.54 6.51 13.52
C VAL D 40 -5.81 7.29 13.13
N LEU D 41 -5.65 8.49 12.58
CA LEU D 41 -6.80 9.24 12.08
C LEU D 41 -7.44 8.52 10.91
N TYR D 42 -6.73 8.40 9.77
CA TYR D 42 -7.28 7.80 8.52
C TYR D 42 -7.79 6.38 8.72
N SER D 43 -7.10 5.63 9.58
CA SER D 43 -7.58 4.36 10.14
C SER D 43 -9.04 4.43 10.61
N LEU D 44 -9.31 5.29 11.59
CA LEU D 44 -10.64 5.45 12.18
C LEU D 44 -11.63 6.10 11.22
N ALA D 45 -11.16 6.77 10.18
CA ALA D 45 -12.04 7.25 9.11
C ALA D 45 -12.42 6.10 8.20
N LYS D 46 -11.39 5.42 7.69
CA LYS D 46 -11.55 4.20 6.91
C LYS D 46 -12.28 3.25 7.83
N LYS D 47 -11.73 3.10 9.03
CA LYS D 47 -12.28 2.24 10.07
C LYS D 47 -13.63 2.70 10.50
N GLY D 48 -13.84 4.02 10.48
CA GLY D 48 -15.08 4.61 10.93
C GLY D 48 -14.86 5.37 12.23
N LYS D 49 -15.94 5.79 12.87
CA LYS D 49 -15.84 6.54 14.11
C LYS D 49 -15.29 7.97 13.93
N LEU D 50 -15.11 8.39 12.66
CA LEU D 50 -14.61 9.71 12.31
C LEU D 50 -15.07 10.05 10.91
N GLN D 51 -15.18 11.34 10.68
CA GLN D 51 -15.53 11.89 9.37
C GLN D 51 -14.28 12.54 8.88
N LYS D 52 -14.11 12.55 7.55
CA LYS D 52 -13.05 13.30 6.88
C LYS D 52 -13.62 14.07 5.69
N GLU D 53 -13.92 15.36 5.91
CA GLU D 53 -14.32 16.27 4.83
C GLU D 53 -13.06 16.98 4.31
N ALA D 54 -12.93 17.03 2.99
CA ALA D 54 -11.66 17.40 2.36
C ALA D 54 -11.36 18.92 2.44
N GLY D 55 -10.28 19.35 1.79
CA GLY D 55 -9.74 20.70 1.92
C GLY D 55 -8.49 20.67 2.79
N THR D 56 -7.79 21.80 2.85
CA THR D 56 -6.57 21.93 3.64
C THR D 56 -6.76 23.03 4.72
N PRO D 57 -6.68 22.69 6.02
CA PRO D 57 -6.38 21.35 6.53
C PRO D 57 -7.56 20.37 6.41
N PRO D 58 -7.26 19.06 6.35
CA PRO D 58 -8.35 18.10 6.45
C PRO D 58 -9.07 18.23 7.79
N LEU D 59 -10.39 18.34 7.72
CA LEU D 59 -11.23 18.49 8.90
C LEU D 59 -11.68 17.11 9.38
N TRP D 60 -11.78 16.94 10.70
CA TRP D 60 -12.11 15.66 11.34
C TRP D 60 -13.15 15.83 12.47
N LYS D 61 -14.06 14.87 12.57
CA LYS D 61 -15.08 14.84 13.64
C LYS D 61 -15.74 13.47 13.76
N ILE D 62 -16.48 13.26 14.85
CA ILE D 62 -17.28 12.04 15.02
C ILE D 62 -18.52 12.18 14.12
N ALA D 63 -18.90 11.08 13.45
CA ALA D 63 -20.09 11.02 12.57
C ALA D 63 -21.38 10.55 13.30
#